data_6Y8S
#
_entry.id   6Y8S
#
_cell.length_a   91.160
_cell.length_b   91.160
_cell.length_c   81.470
_cell.angle_alpha   90.000
_cell.angle_beta   90.000
_cell.angle_gamma   120.000
#
_symmetry.space_group_name_H-M   'P 63'
#
loop_
_entity.id
_entity.type
_entity.pdbx_description
1 polymer 'Carnitine monooxygenase oxygenase subunit'
2 non-polymer 'FE (III) ION'
3 non-polymer 'FE2/S2 (INORGANIC) CLUSTER'
4 non-polymer 3-CARBOXY-N,N,N-TRIMETHYLPROPAN-1-AMINIUM
5 non-polymer GLYCEROL
6 water water
#
_entity_poly.entity_id   1
_entity_poly.type   'polypeptide(L)'
_entity_poly.pdbx_seq_one_letter_code
;MGSSHHHHHHSSGLVPRGSHMSAVEKLPEDFCANPDVAWTFPKVFYTSSQVFEHEKEAIFAKSWICVAHGSELAQPNDYI
TRKVIGENIVIIRGKDSVLRAFYNVCPHRGHELLSGSGKAKNVITCPYHAWTFKLDGSLALARNCDHVESFDKENSSMVP
LKVEEYAGFVFINMDENATCVEDQLPGFAERLNQACGVIKDLKLAARFVTETPANWKVIVDNYMECYHCGPAHPGFADSV
QVDKYWHTTHQNWTLQYGFARSSEKSFKLDPSVTDPEFHGFWTWPCTMFNVPPGSNFMTVIYEFPVDAETTLQHYDIYFT
NEELTQDQKDLIEWYRNVFRPEDLNLVESVQRGLKSRGYRGQGRIMTDKQRSGISEHGIAYFQHLVAQYHQ
;
_entity_poly.pdbx_strand_id   A
#
# COMPACT_ATOMS: atom_id res chain seq x y z
N VAL A 24 3.97 23.19 -11.45
CA VAL A 24 5.01 22.92 -10.41
C VAL A 24 4.59 23.61 -9.11
N GLU A 25 3.63 23.04 -8.40
CA GLU A 25 3.18 23.61 -7.11
C GLU A 25 4.28 23.33 -6.07
N LYS A 26 4.52 24.25 -5.14
CA LYS A 26 5.63 24.04 -4.18
C LYS A 26 5.15 24.22 -2.74
N LEU A 27 5.88 23.61 -1.80
CA LEU A 27 5.58 23.69 -0.36
C LEU A 27 6.86 24.08 0.39
N PRO A 28 6.77 24.82 1.51
CA PRO A 28 7.93 25.16 2.31
C PRO A 28 8.49 23.93 3.04
N GLU A 29 9.78 23.98 3.37
CA GLU A 29 10.47 22.87 4.05
C GLU A 29 9.80 22.57 5.40
N ASP A 30 9.48 23.59 6.19
CA ASP A 30 8.83 23.41 7.50
C ASP A 30 7.30 23.27 7.35
N PHE A 31 6.76 22.92 6.17
CA PHE A 31 5.32 22.73 6.10
C PHE A 31 4.90 21.65 7.09
N CYS A 32 3.96 22.02 7.97
CA CYS A 32 3.44 21.12 9.00
C CYS A 32 4.52 20.64 9.96
N ALA A 33 5.63 21.39 10.06
CA ALA A 33 6.69 21.00 10.98
C ALA A 33 6.29 21.24 12.43
N ASN A 34 5.37 22.17 12.67
CA ASN A 34 4.80 22.38 13.99
C ASN A 34 3.36 21.93 13.98
N PRO A 35 3.06 20.70 14.42
CA PRO A 35 1.67 20.23 14.38
C PRO A 35 0.69 21.06 15.20
N ASP A 36 1.16 21.81 16.21
CA ASP A 36 0.25 22.56 17.05
C ASP A 36 -0.44 23.70 16.30
N VAL A 37 0.20 24.22 15.25
CA VAL A 37 -0.43 25.23 14.41
C VAL A 37 -0.17 24.84 12.97
N ALA A 38 -1.10 24.11 12.37
CA ALA A 38 -0.85 23.48 11.08
C ALA A 38 -2.15 23.34 10.30
N TRP A 39 -2.03 23.36 8.97
CA TRP A 39 -3.15 23.20 8.06
C TRP A 39 -2.79 22.15 7.01
N THR A 40 -3.82 21.53 6.43
CA THR A 40 -3.60 20.57 5.36
C THR A 40 -3.04 21.26 4.11
N PHE A 41 -2.58 20.45 3.15
CA PHE A 41 -2.10 20.95 1.86
C PHE A 41 -3.09 21.92 1.23
N PRO A 42 -2.60 22.95 0.54
CA PRO A 42 -3.46 23.65 -0.41
C PRO A 42 -4.13 22.64 -1.34
N LYS A 43 -5.38 22.92 -1.70
CA LYS A 43 -6.21 21.91 -2.35
C LYS A 43 -5.62 21.39 -3.65
N VAL A 44 -4.76 22.16 -4.31
CA VAL A 44 -4.19 21.72 -5.58
C VAL A 44 -3.43 20.42 -5.41
N PHE A 45 -2.87 20.17 -4.22
CA PHE A 45 -2.11 18.94 -4.05
C PHE A 45 -3.00 17.71 -4.03
N TYR A 46 -4.30 17.87 -3.78
CA TYR A 46 -5.22 16.75 -3.84
C TYR A 46 -5.89 16.59 -5.21
N THR A 47 -5.71 17.53 -6.13
CA THR A 47 -6.46 17.53 -7.39
C THR A 47 -5.63 17.63 -8.65
N SER A 48 -4.43 18.20 -8.59
CA SER A 48 -3.65 18.50 -9.79
C SER A 48 -3.06 17.25 -10.42
N SER A 49 -3.22 17.13 -11.74
CA SER A 49 -2.58 16.01 -12.43
C SER A 49 -1.07 16.19 -12.51
N GLN A 50 -0.59 17.44 -12.48
CA GLN A 50 0.86 17.67 -12.46
C GLN A 50 1.45 17.29 -11.12
N VAL A 51 0.76 17.63 -10.02
CA VAL A 51 1.20 17.18 -8.70
C VAL A 51 1.23 15.66 -8.66
N PHE A 52 0.19 15.01 -9.19
CA PHE A 52 0.14 13.56 -9.17
C PHE A 52 1.28 12.95 -9.99
N GLU A 53 1.57 13.50 -11.18
CA GLU A 53 2.66 12.93 -11.96
C GLU A 53 3.98 13.06 -11.22
N HIS A 54 4.18 14.16 -10.50
CA HIS A 54 5.40 14.31 -9.73
C HIS A 54 5.47 13.31 -8.59
N GLU A 55 4.36 13.12 -7.88
CA GLU A 55 4.36 12.16 -6.77
C GLU A 55 4.50 10.74 -7.29
N LYS A 56 3.89 10.47 -8.45
CA LYS A 56 4.03 9.15 -9.07
C LYS A 56 5.48 8.79 -9.29
N GLU A 57 6.28 9.73 -9.82
CA GLU A 57 7.67 9.41 -10.15
C GLU A 57 8.60 9.58 -8.96
N ALA A 58 8.34 10.56 -8.10
CA ALA A 58 9.26 10.88 -7.01
C ALA A 58 9.01 10.04 -5.78
N ILE A 59 7.77 9.62 -5.57
CA ILE A 59 7.39 8.78 -4.44
C ILE A 59 7.16 7.34 -4.88
N PHE A 60 6.16 7.11 -5.73
CA PHE A 60 5.71 5.74 -5.92
C PHE A 60 6.65 4.89 -6.79
N ALA A 61 7.45 5.52 -7.64
CA ALA A 61 8.42 4.79 -8.45
C ALA A 61 9.77 4.64 -7.77
N LYS A 62 9.93 5.18 -6.56
CA LYS A 62 11.20 5.13 -5.85
C LYS A 62 11.07 4.56 -4.45
N SER A 63 9.86 4.29 -3.98
CA SER A 63 9.65 3.80 -2.63
C SER A 63 9.28 2.33 -2.66
N TRP A 64 9.51 1.67 -1.54
CA TRP A 64 9.00 0.33 -1.35
C TRP A 64 7.49 0.37 -1.18
N ILE A 65 6.79 -0.43 -1.97
CA ILE A 65 5.32 -0.48 -2.03
C ILE A 65 4.89 -1.86 -1.54
N CYS A 66 4.15 -1.89 -0.45
CA CYS A 66 3.65 -3.16 0.06
C CYS A 66 2.55 -3.68 -0.86
N VAL A 67 2.61 -4.95 -1.23
CA VAL A 67 1.61 -5.51 -2.13
C VAL A 67 0.85 -6.69 -1.57
N ALA A 68 1.37 -7.42 -0.58
CA ALA A 68 0.72 -8.65 -0.15
C ALA A 68 1.33 -9.13 1.15
N HIS A 69 0.58 -10.01 1.82
CA HIS A 69 1.14 -10.81 2.89
C HIS A 69 1.90 -12.00 2.30
N GLY A 70 2.93 -12.44 3.00
CA GLY A 70 3.79 -13.51 2.48
C GLY A 70 3.05 -14.81 2.18
N SER A 71 1.92 -15.05 2.84
CA SER A 71 1.20 -16.30 2.64
C SER A 71 0.66 -16.47 1.22
N GLU A 72 0.43 -15.38 0.48
CA GLU A 72 -0.02 -15.53 -0.90
C GLU A 72 1.07 -16.05 -1.81
N LEU A 73 2.32 -16.04 -1.37
CA LEU A 73 3.48 -16.31 -2.21
C LEU A 73 4.39 -17.36 -1.61
N ALA A 74 3.87 -18.22 -0.74
CA ALA A 74 4.72 -19.06 0.09
C ALA A 74 5.28 -20.30 -0.63
N GLN A 75 4.62 -20.75 -1.70
CA GLN A 75 5.01 -21.98 -2.35
C GLN A 75 5.63 -21.71 -3.72
N PRO A 76 6.56 -22.58 -4.15
CA PRO A 76 7.08 -22.47 -5.52
C PRO A 76 5.94 -22.42 -6.53
N ASN A 77 6.09 -21.54 -7.51
CA ASN A 77 5.19 -21.26 -8.63
C ASN A 77 4.01 -20.37 -8.22
N ASP A 78 3.82 -20.06 -6.93
CA ASP A 78 2.80 -19.09 -6.53
C ASP A 78 3.07 -17.74 -7.19
N TYR A 79 2.01 -17.10 -7.70
CA TYR A 79 2.16 -15.75 -8.21
C TYR A 79 0.93 -14.91 -7.88
N ILE A 80 1.13 -13.59 -7.88
CA ILE A 80 0.04 -12.63 -7.79
C ILE A 80 0.31 -11.55 -8.81
N THR A 81 -0.73 -10.77 -9.11
CA THR A 81 -0.58 -9.59 -9.93
C THR A 81 -1.19 -8.38 -9.20
N ARG A 82 -0.60 -7.22 -9.48
CA ARG A 82 -1.00 -5.97 -8.83
C ARG A 82 -0.90 -4.86 -9.87
N LYS A 83 -1.70 -3.81 -9.67
CA LYS A 83 -1.66 -2.63 -10.55
C LYS A 83 -1.45 -1.41 -9.66
N VAL A 84 -0.37 -0.67 -9.90
CA VAL A 84 -0.10 0.54 -9.13
C VAL A 84 0.56 1.56 -10.05
N ILE A 85 0.13 2.83 -9.91
CA ILE A 85 0.51 3.97 -10.74
C ILE A 85 0.68 3.56 -12.20
N GLY A 86 -0.28 2.80 -12.72
CA GLY A 86 -0.28 2.43 -14.12
C GLY A 86 0.62 1.28 -14.49
N GLU A 87 1.22 0.61 -13.51
CA GLU A 87 2.14 -0.49 -13.73
C GLU A 87 1.50 -1.79 -13.29
N ASN A 88 1.38 -2.73 -14.23
CA ASN A 88 0.94 -4.09 -13.98
C ASN A 88 2.15 -4.93 -13.62
N ILE A 89 2.19 -5.45 -12.38
CA ILE A 89 3.35 -6.12 -11.82
C ILE A 89 2.97 -7.56 -11.49
N VAL A 90 3.87 -8.50 -11.77
CA VAL A 90 3.70 -9.87 -11.31
C VAL A 90 4.77 -10.15 -10.27
N ILE A 91 4.35 -10.71 -9.15
CA ILE A 91 5.29 -11.19 -8.15
C ILE A 91 5.16 -12.70 -8.09
N ILE A 92 6.28 -13.41 -8.20
CA ILE A 92 6.25 -14.85 -8.44
C ILE A 92 7.36 -15.52 -7.65
N ARG A 93 7.00 -16.58 -6.92
CA ARG A 93 7.97 -17.43 -6.25
C ARG A 93 8.42 -18.49 -7.24
N GLY A 94 9.72 -18.53 -7.52
CA GLY A 94 10.23 -19.39 -8.57
C GLY A 94 10.19 -20.86 -8.21
N LYS A 95 10.52 -21.70 -9.19
CA LYS A 95 10.63 -23.16 -8.96
C LYS A 95 11.73 -23.37 -7.91
N ASP A 96 12.72 -22.50 -7.93
CA ASP A 96 13.83 -22.52 -6.99
C ASP A 96 13.49 -21.88 -5.64
N SER A 97 12.22 -21.55 -5.41
CA SER A 97 11.73 -20.97 -4.16
C SER A 97 12.22 -19.55 -3.92
N VAL A 98 12.77 -18.89 -4.92
CA VAL A 98 13.23 -17.51 -4.79
C VAL A 98 12.12 -16.57 -5.24
N LEU A 99 11.81 -15.57 -4.41
CA LEU A 99 10.78 -14.59 -4.72
C LEU A 99 11.30 -13.51 -5.67
N ARG A 100 10.58 -13.27 -6.76
CA ARG A 100 10.97 -12.26 -7.72
C ARG A 100 9.75 -11.43 -8.14
N ALA A 101 10.01 -10.27 -8.73
CA ALA A 101 8.95 -9.43 -9.26
C ALA A 101 9.36 -8.96 -10.65
N PHE A 102 8.37 -8.86 -11.54
CA PHE A 102 8.59 -8.39 -12.91
C PHE A 102 7.45 -7.50 -13.35
N TYR A 103 7.73 -6.65 -14.33
CA TYR A 103 6.64 -6.00 -15.03
C TYR A 103 5.91 -7.05 -15.88
N ASN A 104 4.59 -7.02 -15.82
CA ASN A 104 3.74 -8.01 -16.45
C ASN A 104 3.51 -7.66 -17.93
N VAL A 105 4.60 -7.64 -18.70
CA VAL A 105 4.55 -7.20 -20.09
C VAL A 105 5.63 -7.94 -20.86
N CYS A 106 5.27 -8.46 -22.02
CA CYS A 106 6.22 -9.23 -22.81
C CYS A 106 7.24 -8.30 -23.47
N PRO A 107 8.54 -8.64 -23.40
CA PRO A 107 9.57 -7.78 -24.01
C PRO A 107 9.60 -7.84 -25.53
N HIS A 108 8.85 -8.75 -26.14
CA HIS A 108 8.85 -8.78 -27.63
C HIS A 108 8.07 -7.57 -28.16
N ARG A 109 6.76 -7.58 -28.01
CA ARG A 109 5.98 -6.46 -28.54
C ARG A 109 4.87 -6.00 -27.60
N GLY A 110 4.91 -6.36 -26.31
CA GLY A 110 4.14 -5.65 -25.31
C GLY A 110 2.86 -6.27 -24.80
N HIS A 111 2.55 -7.51 -25.18
CA HIS A 111 1.38 -8.19 -24.64
C HIS A 111 1.55 -8.47 -23.16
N GLU A 112 0.46 -8.43 -22.40
CA GLU A 112 0.54 -8.81 -20.99
C GLU A 112 0.79 -10.30 -20.85
N LEU A 113 1.43 -10.71 -19.74
CA LEU A 113 1.87 -12.09 -19.63
C LEU A 113 0.95 -12.97 -18.79
N LEU A 114 0.59 -12.51 -17.58
CA LEU A 114 -0.22 -13.29 -16.65
C LEU A 114 -1.37 -12.44 -16.13
N SER A 115 -2.43 -13.11 -15.67
CA SER A 115 -3.54 -12.40 -15.06
C SER A 115 -3.96 -13.09 -13.77
N GLY A 116 -4.55 -12.30 -12.88
CA GLY A 116 -5.06 -12.83 -11.63
C GLY A 116 -3.95 -13.31 -10.71
N SER A 117 -4.23 -14.37 -9.97
CA SER A 117 -3.26 -14.95 -9.06
C SER A 117 -3.48 -16.45 -9.04
N GLY A 118 -2.45 -17.18 -8.64
CA GLY A 118 -2.58 -18.63 -8.59
C GLY A 118 -1.24 -19.30 -8.72
N LYS A 119 -1.20 -20.46 -9.38
CA LYS A 119 0.04 -21.21 -9.56
C LYS A 119 0.43 -21.11 -11.03
N ALA A 120 1.66 -20.65 -11.27
CA ALA A 120 2.17 -20.63 -12.63
C ALA A 120 2.54 -22.04 -13.07
N LYS A 121 2.52 -22.26 -14.38
CA LYS A 121 3.16 -23.45 -14.92
C LYS A 121 4.67 -23.28 -14.84
N ASN A 122 5.43 -24.29 -15.26
CA ASN A 122 6.86 -24.20 -15.03
C ASN A 122 7.54 -23.22 -16.00
N VAL A 123 6.83 -22.76 -17.03
CA VAL A 123 7.28 -21.63 -17.84
C VAL A 123 6.09 -20.73 -18.10
N ILE A 124 6.39 -19.45 -18.35
CA ILE A 124 5.39 -18.45 -18.71
C ILE A 124 5.42 -18.31 -20.23
N THR A 125 4.26 -18.47 -20.88
CA THR A 125 4.18 -18.41 -22.33
C THR A 125 3.36 -17.18 -22.73
N CYS A 126 3.96 -16.29 -23.50
CA CYS A 126 3.26 -15.08 -23.93
C CYS A 126 2.08 -15.46 -24.83
N PRO A 127 0.88 -14.95 -24.58
CA PRO A 127 -0.27 -15.28 -25.44
C PRO A 127 -0.13 -14.83 -26.89
N TYR A 128 0.76 -13.88 -27.18
CA TYR A 128 0.79 -13.28 -28.52
C TYR A 128 1.61 -14.14 -29.50
N HIS A 129 2.92 -14.20 -29.28
CA HIS A 129 3.79 -15.00 -30.18
C HIS A 129 4.51 -16.13 -29.44
N ALA A 130 4.11 -16.41 -28.20
CA ALA A 130 4.55 -17.60 -27.47
C ALA A 130 6.04 -17.60 -27.17
N TRP A 131 6.67 -16.43 -27.05
CA TRP A 131 7.95 -16.41 -26.35
C TRP A 131 7.74 -17.03 -24.98
N THR A 132 8.72 -17.79 -24.53
CA THR A 132 8.58 -18.59 -23.33
C THR A 132 9.69 -18.21 -22.35
N PHE A 133 9.30 -17.97 -21.09
CA PHE A 133 10.20 -17.50 -20.05
C PHE A 133 10.18 -18.47 -18.87
N LYS A 134 11.35 -18.73 -18.31
CA LYS A 134 11.40 -19.41 -17.03
C LYS A 134 10.86 -18.47 -15.95
N LEU A 135 10.58 -19.05 -14.78
CA LEU A 135 9.98 -18.23 -13.72
C LEU A 135 10.97 -17.24 -13.11
N ASP A 136 12.25 -17.31 -13.47
CA ASP A 136 13.18 -16.25 -13.12
C ASP A 136 13.22 -15.14 -14.18
N GLY A 137 12.34 -15.20 -15.17
CA GLY A 137 12.25 -14.16 -16.17
C GLY A 137 13.11 -14.39 -17.39
N SER A 138 14.03 -15.36 -17.35
CA SER A 138 14.93 -15.62 -18.46
C SER A 138 14.14 -16.10 -19.66
N LEU A 139 14.49 -15.58 -20.83
CA LEU A 139 13.91 -16.12 -22.05
C LEU A 139 14.38 -17.56 -22.22
N ALA A 140 13.41 -18.47 -22.39
CA ALA A 140 13.70 -19.87 -22.64
C ALA A 140 13.62 -20.23 -24.11
N LEU A 141 12.63 -19.68 -24.83
CA LEU A 141 12.45 -19.97 -26.24
C LEU A 141 11.72 -18.79 -26.89
N ALA A 142 12.30 -18.31 -27.98
CA ALA A 142 11.70 -17.25 -28.82
C ALA A 142 11.75 -17.80 -30.24
N ARG A 143 10.61 -18.16 -30.81
CA ARG A 143 10.58 -18.82 -32.13
C ARG A 143 11.33 -17.99 -33.18
N ASN A 144 12.19 -18.68 -33.95
CA ASN A 144 12.96 -18.14 -35.11
C ASN A 144 13.98 -17.09 -34.68
N CYS A 145 14.30 -16.97 -33.38
CA CYS A 145 15.19 -15.89 -32.98
C CYS A 145 16.64 -16.14 -33.41
N ASP A 146 16.98 -17.38 -33.70
CA ASP A 146 18.35 -17.63 -34.23
C ASP A 146 18.40 -17.07 -35.66
N HIS A 147 17.28 -16.70 -36.27
CA HIS A 147 17.35 -16.18 -37.65
C HIS A 147 17.19 -14.67 -37.71
N VAL A 148 17.06 -14.02 -36.56
CA VAL A 148 16.91 -12.57 -36.55
C VAL A 148 18.29 -11.97 -36.32
N GLU A 149 18.67 -11.02 -37.17
CA GLU A 149 20.00 -10.42 -37.10
C GLU A 149 20.20 -9.68 -35.79
N SER A 150 21.33 -9.96 -35.14
CA SER A 150 21.70 -9.29 -33.90
C SER A 150 20.63 -9.43 -32.82
N PHE A 151 19.98 -10.59 -32.75
CA PHE A 151 19.03 -10.82 -31.67
C PHE A 151 19.79 -11.06 -30.37
N ASP A 152 19.35 -10.40 -29.30
CA ASP A 152 19.98 -10.48 -28.00
C ASP A 152 19.02 -11.21 -27.06
N LYS A 153 19.29 -12.49 -26.80
CA LYS A 153 18.36 -13.30 -26.01
C LYS A 153 18.46 -12.96 -24.52
N GLU A 154 19.67 -13.00 -23.97
CA GLU A 154 19.80 -12.31 -22.66
C GLU A 154 19.58 -10.85 -23.10
N ASN A 155 18.87 -10.02 -22.28
CA ASN A 155 18.32 -8.68 -22.51
C ASN A 155 17.04 -8.70 -23.37
N SER A 156 16.53 -9.88 -23.73
CA SER A 156 15.13 -10.05 -24.12
C SER A 156 14.35 -10.84 -23.05
N SER A 157 14.82 -10.82 -21.82
CA SER A 157 14.10 -11.45 -20.72
C SER A 157 12.99 -10.53 -20.22
N MET A 158 12.16 -11.08 -19.34
CA MET A 158 11.22 -10.24 -18.59
C MET A 158 12.00 -9.22 -17.77
N VAL A 159 11.41 -8.05 -17.62
CA VAL A 159 12.07 -6.90 -16.92
C VAL A 159 11.74 -6.97 -15.43
N PRO A 160 12.77 -7.07 -14.56
CA PRO A 160 12.56 -7.19 -13.13
C PRO A 160 12.37 -5.90 -12.32
N LEU A 161 11.79 -6.04 -11.16
CA LEU A 161 11.71 -4.99 -10.13
C LEU A 161 12.38 -5.53 -8.87
N LYS A 162 12.59 -4.66 -7.90
CA LYS A 162 13.10 -5.20 -6.63
C LYS A 162 11.91 -5.72 -5.82
N VAL A 163 12.12 -6.82 -5.12
CA VAL A 163 11.12 -7.34 -4.21
C VAL A 163 11.82 -7.74 -2.93
N GLU A 164 11.15 -7.53 -1.80
CA GLU A 164 11.72 -7.91 -0.52
C GLU A 164 10.61 -8.41 0.40
N GLU A 165 10.88 -9.50 1.10
CA GLU A 165 10.03 -9.99 2.17
C GLU A 165 10.45 -9.31 3.47
N TYR A 166 9.55 -8.55 4.08
CA TYR A 166 9.89 -7.77 5.26
C TYR A 166 8.69 -7.76 6.18
N ALA A 167 8.91 -8.04 7.47
CA ALA A 167 7.85 -8.02 8.48
C ALA A 167 6.73 -9.01 8.16
N GLY A 168 7.01 -10.03 7.36
CA GLY A 168 6.01 -11.00 6.95
C GLY A 168 5.20 -10.59 5.75
N PHE A 169 5.46 -9.41 5.20
CA PHE A 169 4.75 -8.89 4.04
C PHE A 169 5.73 -8.76 2.87
N VAL A 170 5.21 -8.43 1.71
CA VAL A 170 5.99 -8.42 0.47
C VAL A 170 5.94 -7.00 -0.08
N PHE A 171 7.11 -6.43 -0.36
CA PHE A 171 7.23 -5.07 -0.88
C PHE A 171 7.95 -5.10 -2.22
N ILE A 172 7.55 -4.21 -3.14
CA ILE A 172 8.25 -4.06 -4.42
C ILE A 172 8.83 -2.65 -4.49
N ASN A 173 9.82 -2.49 -5.37
CA ASN A 173 10.36 -1.16 -5.62
C ASN A 173 10.75 -1.09 -7.09
N MET A 174 10.26 -0.08 -7.81
CA MET A 174 10.66 0.11 -9.21
C MET A 174 12.06 0.67 -9.35
N ASP A 175 12.66 1.19 -8.29
CA ASP A 175 14.03 1.73 -8.33
C ASP A 175 14.98 0.59 -7.98
N GLU A 176 15.69 0.07 -8.99
CA GLU A 176 16.59 -1.05 -8.75
C GLU A 176 17.83 -0.66 -7.95
N ASN A 177 18.08 0.63 -7.76
CA ASN A 177 19.17 1.07 -6.90
C ASN A 177 18.74 1.23 -5.46
N ALA A 178 17.48 0.95 -5.17
CA ALA A 178 16.98 1.16 -3.82
C ALA A 178 17.73 0.30 -2.83
N THR A 179 17.81 0.80 -1.60
CA THR A 179 18.21 -0.05 -0.50
C THR A 179 16.95 -0.65 0.11
N CYS A 180 17.13 -1.43 1.16
CA CYS A 180 16.14 -2.34 1.68
C CYS A 180 15.00 -1.61 2.37
N VAL A 181 13.96 -2.38 2.70
CA VAL A 181 12.77 -1.79 3.30
C VAL A 181 13.10 -1.20 4.68
N GLU A 182 14.03 -1.81 5.41
CA GLU A 182 14.36 -1.30 6.74
C GLU A 182 14.91 0.12 6.68
N ASP A 183 15.62 0.46 5.59
CA ASP A 183 16.12 1.82 5.43
C ASP A 183 14.97 2.81 5.22
N GLN A 184 13.86 2.36 4.65
CA GLN A 184 12.70 3.24 4.47
C GLN A 184 11.86 3.32 5.73
N LEU A 185 11.75 2.22 6.48
CA LEU A 185 10.85 2.13 7.63
C LEU A 185 11.61 1.68 8.87
N PRO A 186 12.61 2.44 9.32
CA PRO A 186 13.47 1.96 10.41
C PRO A 186 12.67 1.59 11.65
N GLY A 187 12.91 0.36 12.14
CA GLY A 187 12.26 -0.11 13.33
C GLY A 187 10.86 -0.67 13.14
N PHE A 188 10.29 -0.59 11.93
CA PHE A 188 8.89 -0.96 11.76
C PHE A 188 8.67 -2.45 11.97
N ALA A 189 9.47 -3.29 11.29
CA ALA A 189 9.30 -4.73 11.44
C ALA A 189 9.40 -5.14 12.90
N GLU A 190 10.40 -4.60 13.60
CA GLU A 190 10.55 -4.93 15.01
C GLU A 190 9.30 -4.58 15.80
N ARG A 191 8.69 -3.42 15.53
CA ARG A 191 7.54 -3.02 16.33
C ARG A 191 6.27 -3.75 15.90
N LEU A 192 6.14 -4.08 14.63
CA LEU A 192 4.96 -4.83 14.17
C LEU A 192 4.94 -6.22 14.76
N ASN A 193 6.11 -6.86 14.85
CA ASN A 193 6.18 -8.19 15.45
C ASN A 193 5.91 -8.13 16.95
N GLN A 194 6.05 -6.96 17.57
CA GLN A 194 5.68 -6.76 18.96
C GLN A 194 4.25 -6.31 19.13
N ALA A 195 3.51 -6.20 18.04
CA ALA A 195 2.07 -6.01 18.05
C ALA A 195 1.33 -7.31 17.74
N CYS A 196 1.80 -8.08 16.75
CA CYS A 196 1.18 -9.35 16.41
C CYS A 196 2.27 -10.41 16.28
N GLY A 197 2.24 -11.39 17.18
CA GLY A 197 3.26 -12.42 17.22
C GLY A 197 3.06 -13.57 16.27
N VAL A 198 2.00 -13.57 15.45
CA VAL A 198 1.65 -14.74 14.65
C VAL A 198 1.53 -14.37 13.18
N ILE A 199 2.24 -13.31 12.77
CA ILE A 199 2.10 -12.82 11.40
C ILE A 199 2.39 -13.93 10.40
N LYS A 200 3.39 -14.76 10.67
CA LYS A 200 3.75 -15.83 9.70
C LYS A 200 2.61 -16.85 9.54
N ASP A 201 1.73 -16.97 10.51
CA ASP A 201 0.63 -17.92 10.45
C ASP A 201 -0.64 -17.34 9.85
N LEU A 202 -0.67 -16.04 9.54
CA LEU A 202 -1.88 -15.43 9.00
C LEU A 202 -2.14 -15.92 7.58
N LYS A 203 -3.42 -15.97 7.22
CA LYS A 203 -3.84 -16.29 5.86
C LYS A 203 -4.94 -15.33 5.44
N LEU A 204 -4.98 -15.00 4.15
CA LEU A 204 -5.98 -14.08 3.63
C LEU A 204 -7.38 -14.68 3.77
N ALA A 205 -8.24 -13.99 4.49
CA ALA A 205 -9.61 -14.47 4.69
C ALA A 205 -10.63 -13.75 3.82
N ALA A 206 -10.40 -12.47 3.52
CA ALA A 206 -11.28 -11.71 2.65
C ALA A 206 -10.49 -10.53 2.10
N ARG A 207 -10.87 -10.11 0.90
CA ARG A 207 -10.28 -8.92 0.30
C ARG A 207 -11.41 -8.10 -0.32
N PHE A 208 -11.45 -6.81 -0.01
CA PHE A 208 -12.38 -5.88 -0.65
C PHE A 208 -11.57 -5.00 -1.57
N VAL A 209 -11.91 -5.00 -2.86
CA VAL A 209 -11.23 -4.18 -3.86
C VAL A 209 -12.14 -3.03 -4.23
N THR A 210 -11.67 -1.80 -4.09
CA THR A 210 -12.51 -0.65 -4.43
C THR A 210 -11.70 0.37 -5.21
N GLU A 211 -12.23 0.80 -6.35
CA GLU A 211 -11.65 1.93 -7.06
C GLU A 211 -12.26 3.19 -6.45
N THR A 212 -11.48 3.88 -5.64
CA THR A 212 -12.01 4.96 -4.80
C THR A 212 -11.78 6.31 -5.45
N PRO A 213 -12.81 7.13 -5.66
CA PRO A 213 -12.60 8.46 -6.25
C PRO A 213 -12.15 9.48 -5.22
N ALA A 214 -10.93 9.27 -4.74
CA ALA A 214 -10.27 10.21 -3.86
C ALA A 214 -8.77 10.10 -4.08
N ASN A 215 -8.10 11.24 -3.93
CA ASN A 215 -6.64 11.25 -3.94
C ASN A 215 -6.09 10.36 -2.84
N TRP A 216 -4.92 9.76 -3.10
CA TRP A 216 -4.36 8.83 -2.11
C TRP A 216 -4.07 9.51 -0.78
N LYS A 217 -3.80 10.82 -0.80
CA LYS A 217 -3.47 11.50 0.45
C LYS A 217 -4.71 11.80 1.28
N VAL A 218 -5.89 11.92 0.66
CA VAL A 218 -7.12 12.06 1.44
C VAL A 218 -7.37 10.80 2.26
N ILE A 219 -7.07 9.65 1.66
CA ILE A 219 -7.31 8.39 2.35
C ILE A 219 -6.33 8.22 3.51
N VAL A 220 -5.06 8.62 3.30
CA VAL A 220 -4.10 8.60 4.41
C VAL A 220 -4.55 9.57 5.51
N ASP A 221 -4.88 10.81 5.13
CA ASP A 221 -5.39 11.80 6.10
C ASP A 221 -6.44 11.19 7.00
N ASN A 222 -7.41 10.51 6.38
CA ASN A 222 -8.54 9.94 7.10
C ASN A 222 -8.08 8.87 8.09
N TYR A 223 -7.03 8.13 7.74
CA TYR A 223 -6.53 7.11 8.65
C TYR A 223 -5.78 7.74 9.82
N MET A 224 -5.15 8.89 9.61
CA MET A 224 -4.20 9.44 10.56
C MET A 224 -4.84 10.12 11.74
N GLU A 225 -6.17 10.12 11.86
CA GLU A 225 -6.83 10.74 12.99
C GLU A 225 -7.99 9.90 13.48
N CYS A 226 -8.29 10.01 14.78
CA CYS A 226 -9.48 9.43 15.37
C CYS A 226 -10.45 10.50 15.86
N TYR A 227 -10.29 11.73 15.35
CA TYR A 227 -11.27 12.79 15.56
C TYR A 227 -12.66 12.38 15.09
N HIS A 228 -12.75 11.52 14.07
CA HIS A 228 -14.03 11.16 13.47
C HIS A 228 -14.62 9.88 14.04
N CYS A 229 -13.85 9.09 14.79
CA CYS A 229 -14.40 7.90 15.44
C CYS A 229 -15.45 8.30 16.46
N GLY A 230 -16.69 7.85 16.25
CA GLY A 230 -17.80 8.27 17.06
C GLY A 230 -18.87 8.94 16.23
N PRO A 231 -18.57 10.14 15.70
CA PRO A 231 -19.50 10.77 14.75
C PRO A 231 -19.55 10.07 13.40
N ALA A 232 -18.50 9.34 13.01
CA ALA A 232 -18.46 8.62 11.75
C ALA A 232 -18.55 7.11 11.90
N HIS A 233 -18.31 6.58 13.10
CA HIS A 233 -18.38 5.13 13.37
C HIS A 233 -19.18 4.91 14.64
N PRO A 234 -20.51 4.72 14.53
CA PRO A 234 -21.37 4.49 15.70
C PRO A 234 -21.05 3.19 16.43
N VAL A 242 -11.67 2.99 25.49
CA VAL A 242 -10.24 3.28 25.17
C VAL A 242 -9.61 4.08 26.32
N ASP A 243 -8.83 3.40 27.16
CA ASP A 243 -8.16 3.98 28.36
C ASP A 243 -6.83 4.65 27.96
N LYS A 244 -6.93 5.64 27.08
CA LYS A 244 -5.87 6.51 26.46
C LYS A 244 -5.50 5.94 25.09
N TYR A 245 -5.17 6.86 24.18
CA TYR A 245 -4.90 6.62 22.75
C TYR A 245 -3.74 7.55 22.39
N TRP A 246 -2.61 6.98 22.00
CA TRP A 246 -1.38 7.71 21.71
C TRP A 246 -0.97 7.50 20.26
N HIS A 247 -0.70 8.60 19.57
CA HIS A 247 -0.27 8.59 18.19
C HIS A 247 1.17 9.08 18.19
N THR A 248 2.11 8.16 18.08
CA THR A 248 3.52 8.48 18.14
C THR A 248 4.13 8.37 16.74
N THR A 249 4.98 9.33 16.39
CA THR A 249 5.63 9.33 15.10
C THR A 249 7.00 8.71 15.21
N HIS A 250 7.40 8.01 14.15
CA HIS A 250 8.70 7.37 14.08
C HIS A 250 9.39 7.88 12.82
N GLN A 251 10.12 7.04 12.12
CA GLN A 251 10.80 7.49 10.90
C GLN A 251 10.08 6.87 9.72
N ASN A 252 9.27 7.71 9.05
CA ASN A 252 8.44 7.34 7.91
C ASN A 252 7.32 6.38 8.27
N TRP A 253 6.96 6.26 9.55
CA TRP A 253 5.78 5.50 9.93
C TRP A 253 5.31 6.02 11.28
N THR A 254 4.04 5.75 11.59
CA THR A 254 3.48 6.15 12.87
C THR A 254 2.70 5.00 13.46
N LEU A 255 2.44 5.10 14.76
CA LEU A 255 1.72 4.06 15.48
C LEU A 255 0.65 4.71 16.34
N GLN A 256 -0.60 4.30 16.12
CA GLN A 256 -1.71 4.63 17.01
C GLN A 256 -1.89 3.45 17.95
N TYR A 257 -1.75 3.70 19.25
CA TYR A 257 -1.58 2.65 20.24
C TYR A 257 -2.42 2.98 21.47
N GLY A 258 -2.97 1.94 22.10
CA GLY A 258 -3.67 2.16 23.35
C GLY A 258 -4.26 0.87 23.87
N PHE A 259 -5.15 1.03 24.85
CA PHE A 259 -5.82 -0.09 25.49
C PHE A 259 -7.34 0.08 25.35
N ALA A 260 -7.99 -0.94 24.81
CA ALA A 260 -9.43 -0.91 24.60
C ALA A 260 -10.17 -1.15 25.91
N THR A 274 -7.88 -9.11 30.51
CA THR A 274 -6.51 -8.64 30.64
C THR A 274 -6.42 -7.14 30.29
N ASP A 275 -5.37 -6.73 29.60
CA ASP A 275 -5.21 -5.35 29.12
C ASP A 275 -5.09 -5.39 27.60
N PRO A 276 -6.20 -5.48 26.89
CA PRO A 276 -6.15 -5.60 25.42
C PRO A 276 -5.54 -4.37 24.77
N GLU A 277 -4.49 -4.57 23.99
CA GLU A 277 -3.89 -3.50 23.21
C GLU A 277 -4.49 -3.44 21.81
N PHE A 278 -4.45 -2.26 21.22
CA PHE A 278 -4.70 -2.12 19.78
C PHE A 278 -3.57 -1.34 19.15
N HIS A 279 -3.31 -1.63 17.88
CA HIS A 279 -2.26 -0.97 17.11
C HIS A 279 -2.80 -0.59 15.75
N GLY A 280 -2.55 0.64 15.35
CA GLY A 280 -2.77 1.05 13.97
C GLY A 280 -1.52 1.69 13.42
N PHE A 281 -0.86 1.01 12.48
CA PHE A 281 0.37 1.52 11.89
C PHE A 281 0.06 2.14 10.53
N TRP A 282 0.54 3.35 10.32
CA TRP A 282 0.65 3.89 8.97
C TRP A 282 2.12 3.83 8.56
N THR A 283 2.38 3.39 7.32
CA THR A 283 3.73 3.31 6.80
C THR A 283 3.83 4.01 5.46
N TRP A 284 4.97 4.68 5.26
CA TRP A 284 5.25 5.44 4.03
C TRP A 284 5.32 4.50 2.83
N PRO A 285 4.71 4.86 1.68
CA PRO A 285 3.82 6.01 1.61
C PRO A 285 2.35 5.86 2.03
N CYS A 286 1.75 4.68 1.82
CA CYS A 286 0.34 4.55 2.13
C CYS A 286 -0.08 3.08 2.23
N THR A 287 0.49 2.38 3.21
CA THR A 287 0.00 1.08 3.60
C THR A 287 -0.25 1.13 5.09
N MET A 288 -1.42 0.68 5.52
CA MET A 288 -1.77 0.75 6.93
C MET A 288 -2.03 -0.65 7.46
N PHE A 289 -1.49 -0.93 8.65
CA PHE A 289 -1.56 -2.25 9.26
C PHE A 289 -2.29 -2.12 10.59
N ASN A 290 -3.40 -2.83 10.72
CA ASN A 290 -4.22 -2.80 11.93
C ASN A 290 -4.10 -4.12 12.67
N VAL A 291 -3.83 -4.05 13.96
CA VAL A 291 -3.82 -5.21 14.84
C VAL A 291 -4.83 -4.95 15.95
N PRO A 292 -6.05 -5.42 15.82
CA PRO A 292 -7.11 -5.07 16.77
C PRO A 292 -6.91 -5.77 18.11
N PRO A 293 -7.68 -5.40 19.12
CA PRO A 293 -7.55 -6.05 20.44
C PRO A 293 -7.58 -7.57 20.33
N GLY A 294 -6.69 -8.22 21.08
CA GLY A 294 -6.48 -9.64 20.99
C GLY A 294 -5.20 -10.01 20.27
N SER A 295 -4.78 -9.19 19.30
CA SER A 295 -3.48 -9.29 18.64
C SER A 295 -3.27 -10.61 17.91
N ASN A 296 -4.34 -11.29 17.51
CA ASN A 296 -4.25 -12.56 16.81
C ASN A 296 -4.75 -12.50 15.37
N PHE A 297 -5.11 -11.32 14.87
CA PHE A 297 -5.45 -11.16 13.46
C PHE A 297 -5.06 -9.76 13.03
N MET A 298 -5.13 -9.51 11.72
CA MET A 298 -4.77 -8.22 11.17
C MET A 298 -5.74 -7.83 10.06
N THR A 299 -5.89 -6.53 9.87
CA THR A 299 -6.41 -6.01 8.61
C THR A 299 -5.37 -5.05 8.05
N VAL A 300 -5.30 -4.98 6.73
CA VAL A 300 -4.27 -4.17 6.07
C VAL A 300 -4.93 -3.40 4.94
N ILE A 301 -4.67 -2.10 4.88
CA ILE A 301 -5.16 -1.24 3.81
C ILE A 301 -4.01 -0.98 2.86
N TYR A 302 -4.16 -1.40 1.61
CA TYR A 302 -3.18 -1.15 0.56
C TYR A 302 -3.76 -0.09 -0.37
N GLU A 303 -3.03 1.01 -0.57
CA GLU A 303 -3.45 2.06 -1.50
C GLU A 303 -2.56 2.01 -2.73
N PHE A 304 -3.18 1.85 -3.91
CA PHE A 304 -2.45 1.80 -5.18
C PHE A 304 -2.95 2.95 -6.03
N PRO A 305 -2.32 4.12 -5.95
CA PRO A 305 -2.84 5.31 -6.66
C PRO A 305 -2.93 5.09 -8.16
N VAL A 306 -3.97 5.68 -8.75
CA VAL A 306 -4.25 5.58 -10.18
C VAL A 306 -4.05 6.93 -10.86
N ASP A 307 -4.67 7.98 -10.32
CA ASP A 307 -4.44 9.33 -10.79
C ASP A 307 -4.80 10.29 -9.66
N ALA A 308 -4.83 11.59 -9.97
CA ALA A 308 -4.97 12.59 -8.93
C ALA A 308 -6.23 12.36 -8.10
N GLU A 309 -7.32 11.88 -8.71
CA GLU A 309 -8.54 11.72 -7.96
C GLU A 309 -9.05 10.28 -7.92
N THR A 310 -8.14 9.31 -8.05
CA THR A 310 -8.53 7.91 -8.08
C THR A 310 -7.46 7.07 -7.40
N THR A 311 -7.87 6.20 -6.48
CA THR A 311 -6.96 5.30 -5.79
C THR A 311 -7.59 3.92 -5.72
N LEU A 312 -6.87 2.90 -6.18
CA LEU A 312 -7.33 1.54 -6.00
C LEU A 312 -6.94 1.08 -4.59
N GLN A 313 -7.92 0.59 -3.83
CA GLN A 313 -7.67 0.10 -2.48
C GLN A 313 -7.92 -1.40 -2.42
N HIS A 314 -7.02 -2.10 -1.74
CA HIS A 314 -7.27 -3.44 -1.21
C HIS A 314 -7.44 -3.31 0.30
N TYR A 315 -8.54 -3.83 0.83
CA TYR A 315 -8.72 -3.96 2.27
C TYR A 315 -8.71 -5.44 2.55
N ASP A 316 -7.62 -5.93 3.15
CA ASP A 316 -7.39 -7.35 3.36
C ASP A 316 -7.62 -7.68 4.82
N ILE A 317 -8.30 -8.80 5.07
CA ILE A 317 -8.54 -9.29 6.41
C ILE A 317 -7.84 -10.65 6.54
N TYR A 318 -7.01 -10.79 7.59
CA TYR A 318 -6.17 -11.96 7.77
C TYR A 318 -6.47 -12.62 9.11
N PHE A 319 -6.72 -13.93 9.09
CA PHE A 319 -6.85 -14.74 10.29
C PHE A 319 -5.92 -15.93 10.18
N THR A 320 -5.57 -16.52 11.32
CA THR A 320 -4.72 -17.71 11.28
C THR A 320 -5.51 -18.97 10.94
N ASN A 321 -6.83 -18.98 11.19
CA ASN A 321 -7.66 -20.13 10.85
C ASN A 321 -7.80 -20.24 9.34
N GLU A 322 -7.78 -21.46 8.82
CA GLU A 322 -8.12 -21.57 7.41
C GLU A 322 -9.61 -21.84 7.24
N GLU A 323 -10.26 -22.43 8.25
CA GLU A 323 -11.72 -22.54 8.31
C GLU A 323 -12.24 -21.52 9.31
N LEU A 324 -12.99 -20.55 8.83
CA LEU A 324 -13.37 -19.40 9.65
C LEU A 324 -14.42 -19.73 10.70
N THR A 325 -14.29 -19.11 11.86
CA THR A 325 -15.32 -19.14 12.89
C THR A 325 -16.46 -18.20 12.50
N GLN A 326 -17.60 -18.37 13.17
CA GLN A 326 -18.74 -17.49 12.89
C GLN A 326 -18.41 -16.04 13.25
N ASP A 327 -17.71 -15.82 14.35
CA ASP A 327 -17.25 -14.48 14.69
C ASP A 327 -16.46 -13.87 13.55
N GLN A 328 -15.59 -14.67 12.92
CA GLN A 328 -14.77 -14.15 11.83
C GLN A 328 -15.62 -13.85 10.60
N LYS A 329 -16.55 -14.75 10.26
CA LYS A 329 -17.44 -14.48 9.13
C LYS A 329 -18.27 -13.23 9.37
N ASP A 330 -18.81 -13.07 10.57
CA ASP A 330 -19.61 -11.87 10.86
C ASP A 330 -18.76 -10.61 10.78
N LEU A 331 -17.52 -10.69 11.29
CA LEU A 331 -16.63 -9.54 11.22
C LEU A 331 -16.40 -9.12 9.78
N ILE A 332 -16.16 -10.10 8.90
CA ILE A 332 -15.99 -9.81 7.48
C ILE A 332 -17.23 -9.10 6.94
N GLU A 333 -18.42 -9.58 7.28
CA GLU A 333 -19.63 -8.95 6.75
C GLU A 333 -19.84 -7.56 7.33
N TRP A 334 -19.42 -7.34 8.59
CA TRP A 334 -19.53 -6.01 9.19
C TRP A 334 -18.57 -5.03 8.53
N TYR A 335 -17.32 -5.44 8.34
CA TYR A 335 -16.39 -4.60 7.59
C TYR A 335 -16.96 -4.30 6.21
N ARG A 336 -17.56 -5.30 5.56
CA ARG A 336 -18.04 -5.14 4.19
C ARG A 336 -19.24 -4.21 4.12
N ASN A 337 -20.23 -4.42 4.97
CA ASN A 337 -21.50 -3.70 4.84
C ASN A 337 -21.56 -2.40 5.63
N VAL A 338 -20.79 -2.27 6.70
CA VAL A 338 -20.93 -1.10 7.56
C VAL A 338 -19.63 -0.30 7.62
N PHE A 339 -18.57 -0.90 8.17
CA PHE A 339 -17.40 -0.11 8.54
C PHE A 339 -16.73 0.50 7.31
N ARG A 340 -16.46 -0.30 6.28
CA ARG A 340 -15.76 0.24 5.12
C ARG A 340 -16.62 1.22 4.32
N PRO A 341 -17.91 0.94 4.07
CA PRO A 341 -18.73 1.97 3.40
C PRO A 341 -18.76 3.31 4.11
N GLU A 342 -18.71 3.33 5.44
CA GLU A 342 -18.57 4.61 6.14
C GLU A 342 -17.28 5.31 5.72
N ASP A 343 -16.15 4.61 5.83
CA ASP A 343 -14.88 5.27 5.54
C ASP A 343 -14.75 5.66 4.07
N LEU A 344 -15.34 4.89 3.17
CA LEU A 344 -15.27 5.26 1.75
C LEU A 344 -16.17 6.45 1.43
N ASN A 345 -17.38 6.47 2.00
CA ASN A 345 -18.25 7.62 1.77
C ASN A 345 -17.59 8.91 2.25
N LEU A 346 -16.84 8.84 3.36
CA LEU A 346 -16.18 10.02 3.88
C LEU A 346 -15.17 10.59 2.90
N VAL A 347 -14.24 9.74 2.41
CA VAL A 347 -13.19 10.27 1.55
C VAL A 347 -13.74 10.70 0.20
N GLU A 348 -14.80 10.03 -0.27
CA GLU A 348 -15.37 10.44 -1.55
C GLU A 348 -16.03 11.80 -1.44
N SER A 349 -16.69 12.07 -0.31
CA SER A 349 -17.35 13.36 -0.12
C SER A 349 -16.33 14.47 0.08
N VAL A 350 -15.26 14.18 0.83
CA VAL A 350 -14.18 15.15 1.01
C VAL A 350 -13.54 15.51 -0.32
N GLN A 351 -13.28 14.51 -1.18
CA GLN A 351 -12.66 14.81 -2.48
C GLN A 351 -13.54 15.73 -3.30
N ARG A 352 -14.86 15.53 -3.27
CA ARG A 352 -15.76 16.46 -3.95
C ARG A 352 -15.75 17.83 -3.30
N GLY A 353 -15.78 17.88 -1.98
CA GLY A 353 -15.94 19.14 -1.27
C GLY A 353 -14.70 20.02 -1.35
N LEU A 354 -13.52 19.42 -1.37
CA LEU A 354 -12.32 20.26 -1.33
C LEU A 354 -12.13 21.03 -2.63
N LYS A 355 -12.79 20.61 -3.73
CA LYS A 355 -12.73 21.36 -4.98
C LYS A 355 -13.60 22.63 -4.97
N SER A 356 -14.51 22.79 -4.03
CA SER A 356 -15.39 23.94 -4.02
C SER A 356 -14.62 25.22 -3.72
N ARG A 357 -14.98 26.32 -4.40
CA ARG A 357 -14.40 27.60 -4.00
C ARG A 357 -14.83 28.03 -2.60
N GLY A 358 -15.85 27.37 -2.03
CA GLY A 358 -16.23 27.65 -0.65
C GLY A 358 -15.40 26.93 0.38
N TYR A 359 -14.53 26.01 -0.06
CA TYR A 359 -13.52 25.41 0.79
C TYR A 359 -12.25 26.23 0.58
N ARG A 360 -11.89 27.01 1.61
CA ARG A 360 -10.98 28.14 1.42
C ARG A 360 -9.53 27.67 1.50
N GLY A 361 -9.15 26.87 0.51
CA GLY A 361 -7.77 26.48 0.33
C GLY A 361 -7.32 25.26 1.12
N GLN A 362 -7.31 25.39 2.44
CA GLN A 362 -6.73 24.40 3.33
C GLN A 362 -7.66 24.19 4.52
N GLY A 363 -7.44 23.11 5.26
CA GLY A 363 -8.24 22.79 6.44
C GLY A 363 -7.36 22.78 7.68
N ARG A 364 -7.95 23.19 8.80
CA ARG A 364 -7.19 23.25 10.04
C ARG A 364 -7.00 21.85 10.61
N ILE A 365 -5.76 21.50 10.93
CA ILE A 365 -5.45 20.24 11.60
C ILE A 365 -5.67 20.45 13.09
N MET A 366 -6.64 19.74 13.65
CA MET A 366 -7.10 20.02 15.01
C MET A 366 -6.25 19.26 16.00
N THR A 367 -5.02 19.76 16.16
CA THR A 367 -4.09 19.24 17.15
C THR A 367 -4.33 19.90 18.49
N ASP A 368 -4.35 19.09 19.54
CA ASP A 368 -4.47 19.66 20.90
C ASP A 368 -3.10 19.58 21.57
N LYS A 369 -2.88 20.41 22.60
CA LYS A 369 -1.59 20.45 23.33
C LYS A 369 -1.31 19.10 23.99
N GLN A 370 -2.36 18.44 24.45
CA GLN A 370 -2.22 17.17 25.19
C GLN A 370 -2.02 15.95 24.28
N ARG A 371 -2.06 16.10 22.95
CA ARG A 371 -1.93 14.98 22.03
C ARG A 371 -2.88 13.85 22.43
N SER A 372 -4.13 14.24 22.73
CA SER A 372 -5.16 13.32 23.15
C SER A 372 -5.57 12.41 21.99
N GLY A 373 -6.49 11.49 22.29
CA GLY A 373 -6.90 10.50 21.31
C GLY A 373 -7.68 11.05 20.13
N ILE A 374 -8.27 12.25 20.27
CA ILE A 374 -8.96 12.88 19.16
C ILE A 374 -8.12 13.99 18.51
N SER A 375 -6.84 14.07 18.83
CA SER A 375 -5.96 15.04 18.21
C SER A 375 -5.63 14.61 16.78
N GLU A 376 -5.60 15.57 15.86
CA GLU A 376 -5.33 15.28 14.45
C GLU A 376 -3.84 15.37 14.10
N HIS A 377 -2.93 15.38 15.08
CA HIS A 377 -1.55 15.74 14.78
C HIS A 377 -0.86 14.75 13.86
N GLY A 378 -1.37 13.53 13.74
CA GLY A 378 -0.77 12.57 12.82
C GLY A 378 -0.81 13.05 11.38
N ILE A 379 -1.84 13.84 11.01
CA ILE A 379 -1.90 14.39 9.66
C ILE A 379 -0.70 15.28 9.39
N ALA A 380 -0.33 16.10 10.37
CA ALA A 380 0.80 17.01 10.18
C ALA A 380 2.10 16.25 9.93
N TYR A 381 2.34 15.16 10.65
CA TYR A 381 3.55 14.40 10.39
C TYR A 381 3.57 13.85 8.96
N PHE A 382 2.45 13.29 8.52
CA PHE A 382 2.38 12.77 7.16
C PHE A 382 2.62 13.87 6.14
N GLN A 383 1.95 15.02 6.31
CA GLN A 383 2.04 16.04 5.29
C GLN A 383 3.41 16.73 5.29
N HIS A 384 4.06 16.82 6.45
CA HIS A 384 5.45 17.28 6.47
C HIS A 384 6.36 16.37 5.64
N LEU A 385 6.15 15.05 5.73
CA LEU A 385 6.95 14.14 4.91
C LEU A 385 6.67 14.33 3.43
N VAL A 386 5.39 14.48 3.06
CA VAL A 386 5.05 14.69 1.66
C VAL A 386 5.67 15.98 1.14
N ALA A 387 5.66 17.04 1.97
CA ALA A 387 6.19 18.33 1.55
C ALA A 387 7.65 18.24 1.12
N GLN A 388 8.41 17.31 1.70
CA GLN A 388 9.82 17.20 1.34
C GLN A 388 10.01 16.80 -0.12
N TYR A 389 8.98 16.25 -0.75
CA TYR A 389 9.03 15.90 -2.17
C TYR A 389 8.51 17.02 -3.07
N HIS A 390 8.07 18.14 -2.51
CA HIS A 390 7.60 19.26 -3.31
C HIS A 390 8.42 20.51 -3.02
N GLN A 391 9.74 20.33 -2.96
CA GLN A 391 10.65 21.47 -2.81
C GLN A 391 11.05 22.04 -4.16
#